data_1QPW
#
_entry.id   1QPW
#
_cell.length_a   68.10
_cell.length_b   72.27
_cell.length_c   114.85
_cell.angle_alpha   90.0
_cell.angle_beta   90.0
_cell.angle_gamma   90.0
#
_symmetry.space_group_name_H-M   'P 21 21 21'
#
loop_
_entity.id
_entity.type
_entity.pdbx_description
1 polymer 'PORCINE HEMOGLOBIN (ALPHA SUBUNIT)'
2 polymer 'PORCINE HEMOGLOBIN (BETA SUBUNIT)'
3 non-polymer 'PROTOPORPHYRIN IX CONTAINING FE'
4 non-polymer 'OXYGEN MOLECULE'
5 water water
#
loop_
_entity_poly.entity_id
_entity_poly.type
_entity_poly.pdbx_seq_one_letter_code
_entity_poly.pdbx_strand_id
1 'polypeptide(L)'
;VLSAADKANVKAAWGKVGGQAGAHGAEALERMFLGFPTTKTYFPHFNLSHGSDQVKAHGQKVADALTKAVGHLDDLPGAL
SALSDLHAHKLRVDPVNFKLLSHCLLVTLAAHHPDDFNPSVHASLDKFLANVSTVLTSKYR
;
A,C
2 'polypeptide(L)'
;VHLSAEEKEAVLGLWGKVNVDEVGGEALGRLLVVYPWTQRFFESFGDLSNADAVMGNPKVKAHGKKVLQSFSDGLKHLDN
LKGTFAKLSELHCDQLHVDPENFRLLGNVIVVVLARRLGHDFNPDVQAAFQKVVAGVANALAHKYH
;
B,D
#
# COMPACT_ATOMS: atom_id res chain seq x y z
N VAL A 1 7.47 -16.40 6.69
CA VAL A 1 6.19 -16.56 7.36
C VAL A 1 6.30 -16.43 8.90
N LEU A 2 7.33 -15.66 9.33
CA LEU A 2 7.90 -15.67 10.69
C LEU A 2 8.45 -17.10 10.84
N SER A 3 9.73 -17.21 10.52
CA SER A 3 10.40 -18.47 10.70
C SER A 3 11.21 -18.36 11.99
N ALA A 4 11.90 -19.44 12.32
CA ALA A 4 12.74 -19.60 13.50
C ALA A 4 13.69 -18.43 13.76
N ALA A 5 14.45 -18.04 12.73
CA ALA A 5 15.36 -16.90 12.73
C ALA A 5 14.68 -15.67 13.21
N ASP A 6 13.51 -15.39 12.65
CA ASP A 6 12.78 -14.21 13.06
C ASP A 6 12.19 -14.33 14.44
N LYS A 7 11.82 -15.52 14.84
CA LYS A 7 11.27 -15.72 16.16
C LYS A 7 12.36 -15.37 17.16
N ALA A 8 13.54 -16.01 17.05
CA ALA A 8 14.74 -15.77 17.86
C ALA A 8 15.27 -14.33 17.99
N ASN A 9 15.10 -13.57 16.92
CA ASN A 9 15.45 -12.16 16.88
C ASN A 9 14.37 -11.31 17.49
N VAL A 10 13.10 -11.62 17.33
CA VAL A 10 12.10 -10.80 17.95
C VAL A 10 12.39 -10.84 19.45
N LYS A 11 12.53 -12.07 19.98
CA LYS A 11 12.68 -12.29 21.42
C LYS A 11 13.86 -11.54 21.97
N ALA A 12 14.97 -11.63 21.28
CA ALA A 12 16.17 -10.97 21.72
C ALA A 12 16.15 -9.46 21.66
N ALA A 13 15.52 -8.91 20.63
CA ALA A 13 15.52 -7.47 20.51
C ALA A 13 14.70 -6.88 21.60
N TRP A 14 13.53 -7.49 21.79
CA TRP A 14 12.52 -7.05 22.75
C TRP A 14 13.03 -7.29 24.14
N GLY A 15 13.89 -8.30 24.32
CA GLY A 15 14.56 -8.57 25.57
C GLY A 15 15.37 -7.34 25.97
N LYS A 16 16.13 -6.85 24.99
CA LYS A 16 17.00 -5.66 25.13
C LYS A 16 16.18 -4.35 25.22
N VAL A 17 14.89 -4.29 24.91
CA VAL A 17 14.07 -3.11 25.18
C VAL A 17 13.84 -3.16 26.68
N GLY A 18 13.36 -4.30 27.12
CA GLY A 18 13.09 -4.53 28.51
C GLY A 18 12.06 -3.53 29.01
N GLY A 19 12.25 -3.03 30.23
CA GLY A 19 11.36 -2.07 30.89
C GLY A 19 11.19 -0.73 30.13
N GLN A 20 12.06 -0.31 29.16
CA GLN A 20 11.79 0.90 28.36
C GLN A 20 10.67 0.72 27.34
N ALA A 21 10.02 -0.43 27.23
CA ALA A 21 8.94 -0.72 26.32
C ALA A 21 7.88 0.34 26.28
N GLY A 22 7.31 0.72 27.41
CA GLY A 22 6.28 1.71 27.46
C GLY A 22 6.69 3.10 27.13
N ALA A 23 7.97 3.44 27.35
CA ALA A 23 8.53 4.73 26.94
C ALA A 23 8.54 4.72 25.40
N HIS A 24 9.15 3.66 24.82
CA HIS A 24 9.15 3.42 23.35
C HIS A 24 7.81 3.48 22.64
N GLY A 25 6.82 2.92 23.31
CA GLY A 25 5.48 2.83 22.83
C GLY A 25 4.91 4.20 22.84
N ALA A 26 5.32 5.06 23.77
CA ALA A 26 4.84 6.44 23.72
C ALA A 26 5.60 7.35 22.77
N GLU A 27 6.89 7.14 22.58
CA GLU A 27 7.65 7.96 21.68
C GLU A 27 7.07 7.68 20.29
N ALA A 28 6.90 6.40 20.03
CA ALA A 28 6.42 5.92 18.77
C ALA A 28 5.08 6.54 18.42
N LEU A 29 4.08 6.66 19.31
CA LEU A 29 2.80 7.30 19.07
C LEU A 29 3.00 8.75 18.81
N GLU A 30 3.91 9.39 19.56
CA GLU A 30 4.17 10.82 19.37
C GLU A 30 4.74 11.14 17.99
N ARG A 31 5.74 10.36 17.57
CA ARG A 31 6.23 10.41 16.22
C ARG A 31 5.14 10.19 15.12
N MET A 32 4.15 9.34 15.41
CA MET A 32 3.08 9.02 14.46
C MET A 32 2.16 10.21 14.32
N PHE A 33 1.91 10.93 15.43
CA PHE A 33 0.94 12.00 15.48
C PHE A 33 1.57 13.21 14.81
N LEU A 34 2.88 13.31 15.01
CA LEU A 34 3.61 14.39 14.40
C LEU A 34 3.84 14.16 12.91
N GLY A 35 4.42 13.01 12.51
CA GLY A 35 4.74 12.73 11.13
C GLY A 35 3.55 12.50 10.20
N PHE A 36 2.39 12.01 10.63
CA PHE A 36 1.21 11.71 9.80
C PHE A 36 -0.03 12.19 10.57
N PRO A 37 -0.31 13.49 10.66
CA PRO A 37 -1.49 14.06 11.31
C PRO A 37 -2.90 13.47 11.14
N THR A 38 -3.08 12.54 10.16
CA THR A 38 -4.38 11.94 9.87
C THR A 38 -4.82 10.90 10.88
N THR A 39 -3.82 10.32 11.52
CA THR A 39 -3.98 9.31 12.56
C THR A 39 -4.57 9.86 13.85
N LYS A 40 -4.33 11.14 14.10
CA LYS A 40 -4.82 11.92 15.23
C LYS A 40 -6.31 11.94 15.29
N THR A 41 -6.97 11.70 14.16
CA THR A 41 -8.41 11.61 14.00
C THR A 41 -9.02 10.56 14.87
N TYR A 42 -8.31 9.49 15.15
CA TYR A 42 -8.75 8.44 16.08
C TYR A 42 -8.60 8.78 17.59
N PHE A 43 -7.69 9.70 17.94
CA PHE A 43 -7.59 10.14 19.31
C PHE A 43 -8.26 11.44 19.62
N PRO A 44 -9.52 11.86 19.25
CA PRO A 44 -10.08 13.13 19.68
C PRO A 44 -10.28 13.31 21.19
N HIS A 45 -10.34 12.18 21.91
CA HIS A 45 -10.52 12.22 23.36
C HIS A 45 -9.22 12.42 24.10
N PHE A 46 -8.06 12.13 23.44
CA PHE A 46 -6.77 12.37 24.07
C PHE A 46 -6.23 13.76 23.82
N ASN A 47 -5.45 14.07 24.86
CA ASN A 47 -4.60 15.24 24.91
C ASN A 47 -3.39 14.73 24.19
N LEU A 48 -2.89 15.39 23.16
CA LEU A 48 -1.75 14.89 22.36
C LEU A 48 -0.61 15.85 22.24
N SER A 49 -0.29 16.44 23.37
CA SER A 49 0.79 17.38 23.50
C SER A 49 2.05 16.61 23.89
N HIS A 50 3.23 17.28 23.97
CA HIS A 50 4.51 16.59 24.23
C HIS A 50 4.57 15.96 25.60
N GLY A 51 4.51 14.64 25.50
CA GLY A 51 4.45 13.79 26.66
C GLY A 51 3.22 13.98 27.55
N SER A 52 2.01 13.79 26.98
CA SER A 52 0.82 13.88 27.79
C SER A 52 0.80 12.59 28.61
N ASP A 53 0.22 12.55 29.82
CA ASP A 53 0.23 11.30 30.54
C ASP A 53 -0.72 10.38 29.78
N GLN A 54 -1.76 10.86 29.09
CA GLN A 54 -2.67 9.99 28.36
C GLN A 54 -1.93 9.20 27.32
N VAL A 55 -1.05 9.87 26.55
CA VAL A 55 -0.23 9.27 25.51
C VAL A 55 0.75 8.29 26.16
N LYS A 56 1.34 8.65 27.31
CA LYS A 56 2.32 7.74 27.93
C LYS A 56 1.68 6.45 28.49
N ALA A 57 0.43 6.59 28.95
CA ALA A 57 -0.37 5.52 29.52
C ALA A 57 -0.78 4.62 28.40
N HIS A 58 -1.27 5.19 27.28
CA HIS A 58 -1.68 4.38 26.11
C HIS A 58 -0.44 3.78 25.53
N GLY A 59 0.65 4.48 25.54
CA GLY A 59 1.90 3.95 25.10
C GLY A 59 2.30 2.70 25.83
N GLN A 60 1.97 2.63 27.11
CA GLN A 60 2.25 1.45 27.91
C GLN A 60 1.37 0.31 27.46
N LYS A 61 0.07 0.58 27.28
CA LYS A 61 -0.83 -0.49 26.82
C LYS A 61 -0.39 -1.17 25.49
N VAL A 62 0.17 -0.39 24.52
CA VAL A 62 0.54 -0.94 23.21
C VAL A 62 1.75 -1.82 23.46
N ALA A 63 2.69 -1.35 24.25
CA ALA A 63 3.91 -2.10 24.48
C ALA A 63 3.69 -3.41 25.26
N ASP A 64 2.67 -3.48 26.11
CA ASP A 64 2.28 -4.71 26.79
C ASP A 64 1.51 -5.68 25.95
N ALA A 65 0.73 -5.18 25.00
CA ALA A 65 0.15 -6.09 24.01
C ALA A 65 1.20 -6.66 23.03
N LEU A 66 2.26 -5.92 22.76
CA LEU A 66 3.31 -6.35 21.84
C LEU A 66 4.14 -7.42 22.58
N THR A 67 4.45 -7.24 23.90
CA THR A 67 5.03 -8.30 24.76
C THR A 67 4.12 -9.57 24.84
N LYS A 68 2.80 -9.49 24.97
CA LYS A 68 1.95 -10.68 24.86
C LYS A 68 2.15 -11.37 23.53
N ALA A 69 2.17 -10.65 22.41
CA ALA A 69 2.47 -11.18 21.11
C ALA A 69 3.85 -11.85 21.06
N VAL A 70 4.88 -11.25 21.66
CA VAL A 70 6.26 -11.76 21.70
C VAL A 70 6.31 -13.04 22.50
N GLY A 71 5.34 -13.30 23.40
CA GLY A 71 5.35 -14.57 24.15
C GLY A 71 4.32 -15.55 23.57
N HIS A 72 3.79 -15.27 22.40
CA HIS A 72 2.76 -16.08 21.73
C HIS A 72 2.95 -16.12 20.23
N LEU A 73 4.17 -16.13 19.71
CA LEU A 73 4.43 -16.06 18.29
C LEU A 73 3.82 -17.15 17.45
N ASP A 74 3.72 -18.34 17.97
CA ASP A 74 3.08 -19.39 17.20
C ASP A 74 1.57 -19.23 17.06
N ASP A 75 0.98 -18.26 17.77
CA ASP A 75 -0.45 -18.04 17.75
C ASP A 75 -0.99 -16.68 18.26
N LEU A 76 -0.50 -15.61 17.60
CA LEU A 76 -0.97 -14.22 17.79
C LEU A 76 -2.42 -14.07 17.42
N PRO A 77 -3.05 -14.83 16.52
CA PRO A 77 -4.50 -14.91 16.34
C PRO A 77 -5.31 -15.00 17.64
N GLY A 78 -4.93 -16.01 18.47
CA GLY A 78 -5.56 -16.24 19.77
C GLY A 78 -5.20 -15.06 20.68
N ALA A 79 -3.89 -14.84 20.80
CA ALA A 79 -3.40 -13.79 21.63
C ALA A 79 -4.00 -12.41 21.38
N LEU A 80 -4.36 -12.08 20.16
CA LEU A 80 -4.79 -10.72 19.84
C LEU A 80 -6.19 -10.64 19.31
N SER A 81 -6.96 -11.72 19.39
CA SER A 81 -8.31 -11.73 18.86
C SER A 81 -9.25 -10.77 19.58
N ALA A 82 -9.10 -10.38 20.84
CA ALA A 82 -9.94 -9.31 21.36
C ALA A 82 -9.44 -7.95 20.87
N LEU A 83 -8.13 -7.79 20.65
CA LEU A 83 -7.63 -6.55 20.12
C LEU A 83 -8.03 -6.45 18.64
N SER A 84 -8.09 -7.47 17.76
CA SER A 84 -8.71 -7.45 16.44
C SER A 84 -10.08 -6.87 16.43
N ASP A 85 -11.00 -7.46 17.20
CA ASP A 85 -12.36 -6.97 17.40
C ASP A 85 -12.39 -5.50 17.72
N LEU A 86 -11.59 -4.98 18.64
CA LEU A 86 -11.63 -3.57 18.97
C LEU A 86 -11.18 -2.69 17.82
N HIS A 87 -10.08 -2.93 17.10
CA HIS A 87 -9.63 -1.95 16.10
C HIS A 87 -10.31 -2.11 14.78
N ALA A 88 -10.53 -3.28 14.22
CA ALA A 88 -11.14 -3.43 12.92
C ALA A 88 -12.61 -3.25 13.09
N HIS A 89 -13.27 -4.14 13.80
CA HIS A 89 -14.68 -4.10 14.02
C HIS A 89 -15.22 -2.89 14.75
N LYS A 90 -14.73 -2.58 15.92
CA LYS A 90 -15.31 -1.57 16.77
C LYS A 90 -14.85 -0.15 16.51
N LEU A 91 -13.57 0.16 16.39
CA LEU A 91 -13.12 1.53 16.13
C LEU A 91 -12.87 1.82 14.64
N ARG A 92 -13.04 0.83 13.80
CA ARG A 92 -12.77 0.82 12.37
C ARG A 92 -11.49 1.56 12.00
N VAL A 93 -10.27 1.17 12.45
CA VAL A 93 -9.12 2.02 12.15
C VAL A 93 -8.54 1.53 10.81
N ASP A 94 -8.10 2.49 10.01
CA ASP A 94 -7.66 2.28 8.63
C ASP A 94 -6.46 1.34 8.69
N PRO A 95 -6.40 0.24 7.91
CA PRO A 95 -5.24 -0.61 7.81
C PRO A 95 -3.97 0.18 7.52
N VAL A 96 -3.95 1.26 6.75
CA VAL A 96 -2.73 2.05 6.47
C VAL A 96 -2.07 2.54 7.76
N ASN A 97 -2.82 2.89 8.79
CA ASN A 97 -2.27 3.46 10.01
C ASN A 97 -1.41 2.49 10.82
N PHE A 98 -1.60 1.18 10.68
CA PHE A 98 -0.80 0.16 11.36
C PHE A 98 0.56 0.19 10.80
N LYS A 99 0.83 0.33 9.52
CA LYS A 99 2.19 0.42 9.02
C LYS A 99 2.87 1.71 9.38
N LEU A 100 2.08 2.79 9.52
CA LEU A 100 2.63 4.04 9.96
C LEU A 100 3.08 3.94 11.40
N LEU A 101 2.32 3.37 12.33
CA LEU A 101 2.81 3.14 13.68
C LEU A 101 4.01 2.16 13.67
N SER A 102 4.03 1.06 12.93
CA SER A 102 5.15 0.16 12.87
C SER A 102 6.44 0.84 12.53
N HIS A 103 6.29 1.63 11.49
CA HIS A 103 7.40 2.37 10.97
C HIS A 103 7.80 3.24 12.10
N CYS A 104 6.95 3.93 12.81
CA CYS A 104 7.44 4.79 13.85
C CYS A 104 7.98 4.06 15.08
N LEU A 105 7.56 2.83 15.40
CA LEU A 105 8.13 1.99 16.45
C LEU A 105 9.61 1.70 16.12
N LEU A 106 9.79 1.17 14.90
CA LEU A 106 11.13 1.03 14.33
C LEU A 106 12.01 2.29 14.38
N VAL A 107 11.61 3.51 14.07
CA VAL A 107 12.51 4.65 14.12
C VAL A 107 12.90 4.85 15.55
N THR A 108 11.96 4.62 16.50
CA THR A 108 12.19 4.77 17.95
C THR A 108 13.22 3.79 18.51
N LEU A 109 13.08 2.54 18.12
CA LEU A 109 13.98 1.55 18.61
C LEU A 109 15.39 1.75 18.16
N ALA A 110 15.54 2.11 16.87
CA ALA A 110 16.80 2.36 16.17
C ALA A 110 17.50 3.52 16.79
N ALA A 111 16.74 4.60 17.03
CA ALA A 111 17.25 5.82 17.62
C ALA A 111 17.77 5.63 19.01
N HIS A 112 17.08 4.71 19.71
CA HIS A 112 17.41 4.36 21.07
C HIS A 112 18.31 3.16 21.11
N HIS A 113 18.47 2.19 20.21
CA HIS A 113 19.34 1.02 20.40
C HIS A 113 20.30 0.85 19.21
N PRO A 114 20.97 1.89 18.73
CA PRO A 114 21.54 1.92 17.39
C PRO A 114 22.56 0.81 17.19
N ASP A 115 23.35 0.55 18.24
CA ASP A 115 24.36 -0.46 18.11
C ASP A 115 23.76 -1.82 18.38
N ASP A 116 22.45 -1.95 18.29
CA ASP A 116 21.74 -3.16 18.54
C ASP A 116 20.67 -3.44 17.48
N PHE A 117 20.27 -2.39 16.76
CA PHE A 117 19.27 -2.53 15.71
C PHE A 117 20.03 -2.81 14.46
N ASN A 118 20.44 -4.03 14.19
CA ASN A 118 21.15 -4.35 12.97
C ASN A 118 20.31 -4.92 11.83
N PRO A 119 20.75 -5.15 10.59
CA PRO A 119 19.93 -5.47 9.43
C PRO A 119 18.99 -6.62 9.66
N SER A 120 19.50 -7.65 10.26
CA SER A 120 18.67 -8.82 10.48
C SER A 120 17.63 -8.61 11.59
N VAL A 121 17.95 -7.79 12.61
CA VAL A 121 16.93 -7.52 13.63
C VAL A 121 15.90 -6.59 13.05
N HIS A 122 16.34 -5.66 12.20
CA HIS A 122 15.50 -4.75 11.46
C HIS A 122 14.51 -5.56 10.63
N ALA A 123 14.86 -6.56 9.83
CA ALA A 123 13.88 -7.30 9.05
C ALA A 123 13.02 -8.17 9.92
N SER A 124 13.51 -8.79 11.02
CA SER A 124 12.71 -9.61 11.96
C SER A 124 11.64 -8.75 12.63
N LEU A 125 11.97 -7.59 13.16
CA LEU A 125 10.99 -6.70 13.74
C LEU A 125 10.00 -6.19 12.72
N ASP A 126 10.45 -5.92 11.47
CA ASP A 126 9.51 -5.44 10.50
C ASP A 126 8.56 -6.57 10.11
N LYS A 127 8.96 -7.87 9.98
CA LYS A 127 7.97 -8.94 9.73
C LYS A 127 7.10 -9.18 10.93
N PHE A 128 7.62 -9.08 12.17
CA PHE A 128 6.85 -9.21 13.39
C PHE A 128 5.70 -8.18 13.40
N LEU A 129 6.06 -6.89 13.24
CA LEU A 129 5.06 -5.82 13.24
C LEU A 129 4.02 -5.92 12.11
N ALA A 130 4.45 -6.43 10.89
CA ALA A 130 3.56 -6.69 9.74
C ALA A 130 2.67 -7.86 10.06
N ASN A 131 3.10 -8.94 10.72
CA ASN A 131 2.27 -10.02 11.23
C ASN A 131 1.34 -9.56 12.33
N VAL A 132 1.69 -8.72 13.30
CA VAL A 132 0.77 -8.19 14.31
C VAL A 132 -0.31 -7.32 13.68
N SER A 133 0.01 -6.46 12.69
CA SER A 133 -0.92 -5.60 11.98
C SER A 133 -1.95 -6.44 11.21
N THR A 134 -1.52 -7.54 10.54
CA THR A 134 -2.40 -8.44 9.80
C THR A 134 -3.50 -9.01 10.69
N VAL A 135 -3.09 -9.45 11.88
CA VAL A 135 -4.00 -10.03 12.86
C VAL A 135 -4.96 -8.91 13.31
N LEU A 136 -4.54 -7.70 13.71
CA LEU A 136 -5.50 -6.65 14.20
C LEU A 136 -6.39 -5.99 13.17
N THR A 137 -6.20 -6.36 11.90
CA THR A 137 -6.92 -5.82 10.77
C THR A 137 -7.73 -6.93 10.08
N SER A 138 -7.86 -8.11 10.70
CA SER A 138 -8.64 -9.22 10.17
C SER A 138 -10.18 -9.09 10.24
N LYS A 139 -10.76 -8.69 11.37
CA LYS A 139 -12.20 -8.63 11.49
C LYS A 139 -12.87 -7.39 10.94
N TYR A 140 -13.03 -7.17 9.64
CA TYR A 140 -13.72 -5.92 9.30
C TYR A 140 -15.21 -5.98 9.31
N ARG A 141 -15.74 -7.05 8.71
CA ARG A 141 -17.16 -7.43 8.66
C ARG A 141 -18.15 -6.28 8.74
N VAL B 1 7.87 20.33 -1.93
CA VAL B 1 6.80 19.96 -0.99
C VAL B 1 6.31 21.30 -0.49
N HIS B 2 5.14 21.61 0.06
CA HIS B 2 5.01 22.96 0.61
C HIS B 2 5.52 22.80 2.05
N LEU B 3 6.80 23.08 2.15
CA LEU B 3 7.64 22.96 3.34
C LEU B 3 7.71 24.29 4.11
N SER B 4 7.66 24.37 5.46
CA SER B 4 7.72 25.68 6.11
C SER B 4 9.16 26.10 6.35
N ALA B 5 9.36 27.40 6.62
CA ALA B 5 10.69 27.95 6.85
C ALA B 5 11.36 27.27 8.03
N GLU B 6 10.62 27.04 9.11
CA GLU B 6 11.08 26.30 10.27
C GLU B 6 11.66 24.92 9.91
N GLU B 7 10.85 24.20 9.13
CA GLU B 7 11.17 22.87 8.72
C GLU B 7 12.33 22.72 7.76
N LYS B 8 12.55 23.66 6.81
CA LYS B 8 13.71 23.63 5.88
C LYS B 8 14.95 23.70 6.71
N GLU B 9 14.98 24.72 7.58
CA GLU B 9 16.05 24.98 8.53
C GLU B 9 16.28 23.71 9.30
N ALA B 10 15.22 23.00 9.72
CA ALA B 10 15.38 21.76 10.49
C ALA B 10 16.01 20.60 9.78
N VAL B 11 15.59 20.43 8.52
CA VAL B 11 16.12 19.42 7.64
C VAL B 11 17.55 19.72 7.25
N LEU B 12 17.82 20.89 6.72
CA LEU B 12 19.14 21.22 6.22
C LEU B 12 20.22 21.23 7.29
N GLY B 13 19.79 21.78 8.43
CA GLY B 13 20.62 21.95 9.62
C GLY B 13 21.20 20.64 10.04
N LEU B 14 20.32 19.66 10.07
CA LEU B 14 20.66 18.31 10.46
C LEU B 14 21.29 17.52 9.35
N TRP B 15 20.97 17.74 8.09
CA TRP B 15 21.63 17.02 7.00
C TRP B 15 23.13 17.31 7.03
N GLY B 16 23.52 18.50 7.49
CA GLY B 16 24.92 18.86 7.64
C GLY B 16 25.65 17.89 8.54
N LYS B 17 24.96 17.17 9.38
CA LYS B 17 25.57 16.20 10.26
C LYS B 17 25.62 14.79 9.72
N VAL B 18 24.89 14.49 8.66
CA VAL B 18 24.92 13.14 8.19
C VAL B 18 26.00 12.94 7.13
N ASN B 19 26.80 11.93 7.37
CA ASN B 19 27.74 11.52 6.34
C ASN B 19 26.95 10.71 5.35
N VAL B 20 26.55 11.46 4.33
CA VAL B 20 25.85 10.96 3.17
C VAL B 20 26.33 9.63 2.61
N ASP B 21 27.61 9.36 2.70
CA ASP B 21 28.09 8.12 2.15
C ASP B 21 27.91 6.91 3.04
N GLU B 22 28.10 7.05 4.34
CA GLU B 22 27.87 5.91 5.23
C GLU B 22 26.35 5.63 5.40
N VAL B 23 25.49 6.66 5.37
CA VAL B 23 24.09 6.38 5.51
C VAL B 23 23.58 5.78 4.21
N GLY B 24 24.04 6.13 3.02
CA GLY B 24 23.51 5.58 1.74
C GLY B 24 23.90 4.13 1.51
N GLY B 25 25.11 3.74 1.91
CA GLY B 25 25.50 2.34 1.87
C GLY B 25 24.56 1.55 2.76
N GLU B 26 24.27 2.13 3.94
CA GLU B 26 23.43 1.51 4.96
C GLU B 26 21.97 1.41 4.52
N ALA B 27 21.32 2.48 4.06
CA ALA B 27 19.94 2.45 3.63
C ALA B 27 19.68 1.40 2.60
N LEU B 28 20.63 1.30 1.66
CA LEU B 28 20.48 0.38 0.55
C LEU B 28 20.78 -1.02 0.96
N GLY B 29 21.67 -1.31 1.88
CA GLY B 29 21.87 -2.68 2.27
C GLY B 29 20.67 -3.15 3.03
N ARG B 30 20.01 -2.31 3.84
CA ARG B 30 18.81 -2.61 4.63
C ARG B 30 17.57 -2.75 3.77
N LEU B 31 17.29 -1.95 2.74
CA LEU B 31 16.17 -2.14 1.82
C LEU B 31 16.30 -3.54 1.26
N LEU B 32 17.48 -3.93 0.78
CA LEU B 32 17.69 -5.24 0.21
C LEU B 32 17.60 -6.35 1.24
N VAL B 33 17.98 -6.30 2.52
CA VAL B 33 17.69 -7.43 3.38
C VAL B 33 16.29 -7.26 3.97
N VAL B 34 15.69 -6.10 4.27
CA VAL B 34 14.36 -6.05 4.88
C VAL B 34 13.27 -6.40 3.89
N TYR B 35 13.43 -5.91 2.68
CA TYR B 35 12.39 -6.02 1.69
C TYR B 35 12.93 -6.89 0.60
N PRO B 36 13.02 -8.19 0.71
CA PRO B 36 13.85 -8.96 -0.17
C PRO B 36 13.47 -8.94 -1.67
N TRP B 37 12.24 -8.74 -2.15
CA TRP B 37 11.93 -8.63 -3.58
C TRP B 37 12.70 -7.45 -4.29
N THR B 38 13.31 -6.46 -3.59
CA THR B 38 14.02 -5.35 -4.24
C THR B 38 15.40 -5.80 -4.72
N GLN B 39 15.83 -6.99 -4.32
CA GLN B 39 17.06 -7.63 -4.81
C GLN B 39 16.91 -7.99 -6.26
N ARG B 40 15.69 -8.13 -6.76
CA ARG B 40 15.43 -8.49 -8.15
C ARG B 40 16.12 -7.50 -9.09
N PHE B 41 16.26 -6.24 -8.71
CA PHE B 41 16.80 -5.22 -9.57
C PHE B 41 18.30 -5.15 -9.44
N PHE B 42 18.87 -5.86 -8.48
CA PHE B 42 20.27 -5.73 -8.25
C PHE B 42 20.93 -7.09 -8.32
N GLU B 43 20.38 -7.90 -9.21
CA GLU B 43 20.84 -9.23 -9.51
C GLU B 43 22.35 -9.16 -9.74
N SER B 44 22.98 -8.27 -10.53
CA SER B 44 24.43 -8.30 -10.76
C SER B 44 25.38 -8.07 -9.60
N PHE B 45 24.94 -7.48 -8.48
CA PHE B 45 25.86 -7.14 -7.40
C PHE B 45 26.50 -8.33 -6.72
N GLY B 46 25.94 -9.50 -6.93
CA GLY B 46 26.56 -10.73 -6.50
C GLY B 46 25.82 -11.39 -5.34
N ASP B 47 26.63 -11.81 -4.34
CA ASP B 47 26.16 -12.57 -3.17
C ASP B 47 25.32 -11.62 -2.33
N LEU B 48 24.00 -11.88 -2.40
CA LEU B 48 23.04 -11.14 -1.60
C LEU B 48 22.21 -12.16 -0.78
N SER B 49 22.92 -13.29 -0.60
CA SER B 49 22.47 -14.51 -0.01
C SER B 49 22.29 -14.45 1.52
N ASN B 50 22.72 -13.39 2.22
CA ASN B 50 22.47 -13.17 3.67
C ASN B 50 22.88 -11.72 3.95
N ALA B 51 22.40 -11.14 5.07
CA ALA B 51 22.64 -9.75 5.38
C ALA B 51 24.08 -9.39 5.62
N ASP B 52 24.96 -10.31 5.95
CA ASP B 52 26.37 -9.98 6.06
C ASP B 52 27.04 -9.85 4.71
N ALA B 53 26.56 -10.60 3.72
CA ALA B 53 27.05 -10.55 2.36
C ALA B 53 26.63 -9.26 1.69
N VAL B 54 25.33 -8.92 1.83
CA VAL B 54 24.74 -7.66 1.35
C VAL B 54 25.51 -6.47 1.96
N MET B 55 25.50 -6.39 3.31
CA MET B 55 26.16 -5.28 3.99
C MET B 55 27.62 -5.59 3.80
N GLY B 56 28.49 -4.68 3.44
CA GLY B 56 29.85 -5.12 3.19
C GLY B 56 30.09 -5.47 1.71
N ASN B 57 29.06 -5.67 0.91
CA ASN B 57 29.21 -5.87 -0.52
C ASN B 57 29.72 -4.58 -1.18
N PRO B 58 30.93 -4.36 -1.77
CA PRO B 58 31.39 -3.09 -2.38
C PRO B 58 30.44 -2.38 -3.29
N LYS B 59 29.70 -3.14 -4.07
CA LYS B 59 28.78 -2.57 -5.00
C LYS B 59 27.50 -1.98 -4.38
N VAL B 60 26.93 -2.60 -3.32
CA VAL B 60 25.74 -2.06 -2.66
C VAL B 60 26.15 -0.75 -2.04
N LYS B 61 27.34 -0.75 -1.47
CA LYS B 61 27.91 0.43 -0.81
C LYS B 61 28.18 1.55 -1.84
N ALA B 62 28.91 1.29 -2.94
CA ALA B 62 29.15 2.24 -4.02
C ALA B 62 27.87 2.77 -4.56
N HIS B 63 26.94 1.93 -4.92
CA HIS B 63 25.69 2.42 -5.39
C HIS B 63 24.94 3.25 -4.37
N GLY B 64 24.94 2.86 -3.11
CA GLY B 64 24.21 3.56 -2.09
C GLY B 64 24.62 5.00 -1.97
N LYS B 65 25.93 5.31 -2.05
CA LYS B 65 26.43 6.69 -1.97
C LYS B 65 25.76 7.52 -3.07
N LYS B 66 25.60 6.93 -4.25
CA LYS B 66 25.04 7.63 -5.36
C LYS B 66 23.55 7.90 -5.11
N VAL B 67 22.71 7.03 -4.53
CA VAL B 67 21.31 7.40 -4.32
C VAL B 67 21.27 8.44 -3.23
N LEU B 68 22.11 8.42 -2.21
CA LEU B 68 22.09 9.45 -1.18
C LEU B 68 22.55 10.78 -1.66
N GLN B 69 23.60 10.81 -2.48
CA GLN B 69 24.05 12.00 -3.16
C GLN B 69 22.95 12.55 -4.08
N SER B 70 22.11 11.80 -4.80
CA SER B 70 20.93 12.37 -5.48
C SER B 70 19.91 12.93 -4.50
N PHE B 71 19.83 12.33 -3.31
CA PHE B 71 18.92 12.82 -2.29
C PHE B 71 19.33 14.23 -1.87
N SER B 72 20.63 14.41 -1.62
CA SER B 72 21.17 15.71 -1.36
C SER B 72 20.83 16.76 -2.42
N ASP B 73 20.94 16.58 -3.72
CA ASP B 73 20.59 17.66 -4.67
C ASP B 73 19.12 17.97 -4.56
N GLY B 74 18.31 16.97 -4.26
CA GLY B 74 16.93 17.21 -4.01
C GLY B 74 16.77 18.10 -2.79
N LEU B 75 17.62 18.07 -1.78
CA LEU B 75 17.48 18.92 -0.61
C LEU B 75 17.89 20.35 -0.92
N LYS B 76 16.93 21.29 -0.83
CA LYS B 76 17.13 22.69 -1.24
C LYS B 76 17.44 22.57 -2.74
N HIS B 77 16.19 22.49 -3.22
CA HIS B 77 15.65 22.27 -4.57
C HIS B 77 14.22 21.85 -4.34
N LEU B 78 13.76 21.88 -3.08
CA LEU B 78 12.43 21.56 -2.55
C LEU B 78 11.26 22.13 -3.25
N ASP B 79 11.55 23.27 -3.81
CA ASP B 79 10.56 24.04 -4.52
C ASP B 79 10.28 23.39 -5.84
N ASN B 80 11.23 22.66 -6.35
CA ASN B 80 11.19 22.10 -7.66
C ASN B 80 11.66 20.66 -7.69
N LEU B 81 10.99 19.81 -6.93
CA LEU B 81 11.46 18.43 -6.90
C LEU B 81 11.15 17.66 -8.17
N LYS B 82 10.03 18.02 -8.83
CA LYS B 82 9.62 17.42 -10.10
C LYS B 82 10.63 17.61 -11.25
N GLY B 83 11.42 18.70 -11.40
CA GLY B 83 12.45 18.76 -12.45
C GLY B 83 13.80 18.27 -11.96
N THR B 84 14.13 18.40 -10.68
CA THR B 84 15.37 17.88 -10.17
C THR B 84 15.34 16.39 -10.48
N PHE B 85 14.19 15.75 -10.26
CA PHE B 85 14.13 14.31 -10.41
C PHE B 85 13.62 13.79 -11.74
N ALA B 86 13.12 14.63 -12.65
CA ALA B 86 12.56 14.16 -13.91
C ALA B 86 13.39 13.18 -14.70
N LYS B 87 14.72 13.30 -14.65
CA LYS B 87 15.60 12.41 -15.42
C LYS B 87 15.61 11.04 -14.80
N LEU B 88 15.76 11.03 -13.48
CA LEU B 88 15.69 9.77 -12.79
C LEU B 88 14.29 9.19 -12.76
N SER B 89 13.17 9.94 -12.80
CA SER B 89 11.84 9.33 -12.80
C SER B 89 11.60 8.62 -14.11
N GLU B 90 12.12 9.16 -15.24
CA GLU B 90 11.92 8.39 -16.48
C GLU B 90 12.91 7.21 -16.48
N LEU B 91 14.06 7.32 -15.83
CA LEU B 91 15.01 6.24 -15.76
C LEU B 91 14.48 4.99 -15.04
N HIS B 92 13.77 5.27 -13.95
CA HIS B 92 13.10 4.30 -13.10
C HIS B 92 11.92 3.66 -13.73
N CYS B 93 11.15 4.48 -14.37
CA CYS B 93 9.96 4.04 -15.00
C CYS B 93 10.24 3.21 -16.21
N ASP B 94 10.96 3.77 -17.14
CA ASP B 94 11.04 3.16 -18.43
C ASP B 94 12.22 2.28 -18.57
N GLN B 95 13.33 2.53 -17.86
CA GLN B 95 14.46 1.64 -17.96
C GLN B 95 14.50 0.53 -16.88
N LEU B 96 14.26 0.86 -15.62
CA LEU B 96 14.42 -0.17 -14.62
C LEU B 96 13.08 -0.84 -14.32
N HIS B 97 11.89 -0.27 -14.53
CA HIS B 97 10.62 -0.86 -14.14
C HIS B 97 10.36 -1.05 -12.65
N VAL B 98 10.74 -0.07 -11.86
CA VAL B 98 10.58 -0.09 -10.42
C VAL B 98 9.20 0.41 -10.15
N ASP B 99 8.35 -0.41 -9.52
CA ASP B 99 7.05 0.07 -9.15
C ASP B 99 7.23 1.19 -8.15
N PRO B 100 6.49 2.29 -8.14
CA PRO B 100 6.64 3.43 -7.25
C PRO B 100 6.50 3.25 -5.76
N GLU B 101 5.87 2.23 -5.26
CA GLU B 101 5.75 2.10 -3.84
C GLU B 101 7.08 1.86 -3.19
N ASN B 102 8.01 1.27 -3.90
CA ASN B 102 9.30 1.06 -3.34
C ASN B 102 10.00 2.39 -3.19
N PHE B 103 9.59 3.51 -3.83
CA PHE B 103 10.19 4.82 -3.54
C PHE B 103 9.80 5.25 -2.12
N ARG B 104 8.61 4.85 -1.64
CA ARG B 104 8.15 5.10 -0.26
C ARG B 104 8.92 4.17 0.67
N LEU B 105 9.09 2.89 0.43
CA LEU B 105 9.87 2.07 1.34
C LEU B 105 11.35 2.55 1.39
N LEU B 106 12.05 2.97 0.33
CA LEU B 106 13.42 3.43 0.53
C LEU B 106 13.36 4.73 1.26
N GLY B 107 12.39 5.60 1.09
CA GLY B 107 12.38 6.82 1.89
C GLY B 107 12.35 6.54 3.40
N ASN B 108 11.48 5.65 3.80
CA ASN B 108 11.36 5.28 5.21
C ASN B 108 12.57 4.52 5.71
N VAL B 109 13.29 3.76 4.91
CA VAL B 109 14.50 3.11 5.38
C VAL B 109 15.61 4.15 5.57
N ILE B 110 15.59 5.28 4.83
CA ILE B 110 16.59 6.31 5.05
C ILE B 110 16.26 6.94 6.39
N VAL B 111 14.95 7.23 6.64
CA VAL B 111 14.51 7.77 7.93
C VAL B 111 14.88 6.85 9.09
N VAL B 112 14.76 5.52 9.12
CA VAL B 112 15.26 4.79 10.30
C VAL B 112 16.77 4.77 10.36
N VAL B 113 17.53 4.87 9.29
CA VAL B 113 18.97 4.93 9.37
C VAL B 113 19.34 6.29 9.87
N LEU B 114 18.60 7.36 9.59
CA LEU B 114 18.95 8.70 10.09
C LEU B 114 18.68 8.73 11.58
N ALA B 115 17.57 8.07 12.00
CA ALA B 115 17.19 7.88 13.42
C ALA B 115 18.26 7.06 14.11
N ARG B 116 18.84 6.01 13.50
CA ARG B 116 19.93 5.20 14.09
C ARG B 116 21.26 5.91 14.31
N ARG B 117 21.51 6.89 13.46
CA ARG B 117 22.79 7.58 13.44
C ARG B 117 22.82 8.89 14.19
N LEU B 118 21.80 9.70 14.03
CA LEU B 118 21.72 10.95 14.71
C LEU B 118 21.07 10.89 16.08
N GLY B 119 20.44 9.75 16.41
CA GLY B 119 19.77 9.54 17.68
C GLY B 119 18.92 10.71 18.16
N HIS B 120 19.30 11.35 19.25
CA HIS B 120 18.52 12.40 19.85
C HIS B 120 18.34 13.53 18.90
N ASP B 121 19.25 13.87 18.04
CA ASP B 121 18.96 14.95 17.10
C ASP B 121 17.71 14.63 16.26
N PHE B 122 17.47 13.36 15.96
CA PHE B 122 16.31 12.94 15.16
C PHE B 122 15.03 12.78 15.98
N ASN B 123 14.61 13.92 16.52
CA ASN B 123 13.47 13.94 17.43
C ASN B 123 12.18 13.95 16.64
N PRO B 124 11.00 13.80 17.24
CA PRO B 124 9.74 13.75 16.51
C PRO B 124 9.43 14.89 15.56
N ASP B 125 9.94 16.09 15.86
CA ASP B 125 9.70 17.29 15.09
C ASP B 125 10.59 17.25 13.85
N VAL B 126 11.86 16.91 13.94
CA VAL B 126 12.67 16.82 12.73
C VAL B 126 12.25 15.65 11.85
N GLN B 127 11.85 14.53 12.44
CA GLN B 127 11.21 13.43 11.71
C GLN B 127 10.01 13.90 10.90
N ALA B 128 9.17 14.78 11.41
CA ALA B 128 7.98 15.17 10.73
C ALA B 128 8.27 16.00 9.49
N ALA B 129 9.36 16.76 9.55
CA ALA B 129 9.76 17.57 8.44
C ALA B 129 10.34 16.61 7.42
N PHE B 130 11.18 15.68 7.84
CA PHE B 130 11.67 14.66 6.94
C PHE B 130 10.63 13.75 6.31
N GLN B 131 9.50 13.38 6.91
CA GLN B 131 8.54 12.55 6.22
C GLN B 131 7.97 13.34 5.06
N LYS B 132 7.95 14.67 5.16
CA LYS B 132 7.47 15.51 4.06
C LYS B 132 8.47 15.44 2.91
N VAL B 133 9.76 15.48 3.22
CA VAL B 133 10.77 15.47 2.17
C VAL B 133 10.67 14.13 1.48
N VAL B 134 10.71 12.99 2.21
CA VAL B 134 10.80 11.70 1.54
C VAL B 134 9.52 11.47 0.79
N ALA B 135 8.42 12.07 1.22
CA ALA B 135 7.22 11.89 0.44
C ALA B 135 7.44 12.65 -0.85
N GLY B 136 8.01 13.88 -0.74
CA GLY B 136 8.31 14.76 -1.85
C GLY B 136 9.15 14.07 -2.91
N VAL B 137 10.30 13.56 -2.48
CA VAL B 137 11.16 12.78 -3.37
C VAL B 137 10.47 11.62 -4.13
N ALA B 138 9.63 10.82 -3.49
CA ALA B 138 9.02 9.64 -4.12
C ALA B 138 8.00 10.09 -5.11
N ASN B 139 7.32 11.17 -4.77
CA ASN B 139 6.31 11.70 -5.63
C ASN B 139 6.87 12.19 -6.95
N ALA B 140 8.07 12.72 -6.87
CA ALA B 140 8.81 13.23 -8.00
C ALA B 140 9.36 12.08 -8.79
N LEU B 141 9.87 11.04 -8.11
CA LEU B 141 10.38 9.91 -8.85
C LEU B 141 9.27 9.05 -9.49
N ALA B 142 8.06 9.36 -9.08
CA ALA B 142 6.85 8.72 -9.60
C ALA B 142 6.15 9.51 -10.70
N HIS B 143 6.57 10.75 -11.02
CA HIS B 143 5.84 11.64 -11.93
C HIS B 143 5.77 11.13 -13.34
N LYS B 144 6.92 10.79 -13.90
CA LYS B 144 6.94 10.28 -15.23
C LYS B 144 6.32 8.91 -15.34
N TYR B 145 5.64 8.37 -14.29
CA TYR B 145 5.06 7.06 -14.38
C TYR B 145 3.86 7.21 -15.27
N HIS B 146 2.58 7.45 -14.98
CA HIS B 146 1.73 7.62 -16.13
C HIS B 146 1.04 8.98 -16.28
N VAL C 1 -10.03 -17.95 8.79
CA VAL C 1 -9.88 -18.02 7.33
C VAL C 1 -10.99 -17.09 6.82
N LEU C 2 -11.68 -17.31 5.69
CA LEU C 2 -12.80 -16.46 5.38
C LEU C 2 -13.93 -16.74 6.33
N SER C 3 -14.89 -15.86 6.58
CA SER C 3 -15.97 -16.26 7.41
C SER C 3 -16.75 -17.30 6.61
N ALA C 4 -17.76 -17.93 7.19
CA ALA C 4 -18.56 -18.91 6.46
C ALA C 4 -19.38 -18.23 5.38
N ALA C 5 -19.92 -17.05 5.60
CA ALA C 5 -20.57 -16.36 4.50
C ALA C 5 -19.57 -16.16 3.33
N ASP C 6 -18.36 -15.66 3.59
CA ASP C 6 -17.41 -15.39 2.54
C ASP C 6 -17.11 -16.61 1.76
N LYS C 7 -16.84 -17.75 2.39
CA LYS C 7 -16.54 -19.00 1.68
C LYS C 7 -17.68 -19.43 0.74
N ALA C 8 -18.89 -19.19 1.19
CA ALA C 8 -20.05 -19.62 0.44
C ALA C 8 -20.16 -18.77 -0.80
N ASN C 9 -19.94 -17.45 -0.70
CA ASN C 9 -20.00 -16.50 -1.83
C ASN C 9 -18.87 -16.84 -2.81
N VAL C 10 -17.65 -17.00 -2.32
CA VAL C 10 -16.53 -17.38 -3.16
C VAL C 10 -16.80 -18.66 -3.87
N LYS C 11 -17.39 -19.65 -3.24
CA LYS C 11 -17.53 -20.93 -3.90
C LYS C 11 -18.60 -20.96 -4.96
N ALA C 12 -19.65 -20.21 -4.74
CA ALA C 12 -20.74 -20.19 -5.69
C ALA C 12 -20.33 -19.31 -6.88
N ALA C 13 -19.72 -18.15 -6.59
CA ALA C 13 -19.40 -17.20 -7.64
C ALA C 13 -18.36 -17.77 -8.56
N TRP C 14 -17.33 -18.43 -8.02
CA TRP C 14 -16.31 -19.06 -8.86
C TRP C 14 -16.82 -20.36 -9.45
N GLY C 15 -17.86 -20.89 -8.80
CA GLY C 15 -18.48 -22.09 -9.27
C GLY C 15 -19.26 -21.76 -10.52
N LYS C 16 -19.98 -20.64 -10.56
CA LYS C 16 -20.79 -20.43 -11.74
C LYS C 16 -19.99 -19.77 -12.88
N VAL C 17 -18.78 -19.26 -12.63
CA VAL C 17 -17.82 -18.85 -13.66
C VAL C 17 -17.62 -20.08 -14.56
N GLY C 18 -17.38 -21.19 -13.90
CA GLY C 18 -17.27 -22.43 -14.56
C GLY C 18 -16.06 -22.48 -15.47
N GLY C 19 -16.37 -22.79 -16.77
CA GLY C 19 -15.43 -23.08 -17.87
C GLY C 19 -14.62 -21.87 -18.37
N GLN C 20 -15.15 -20.71 -18.04
CA GLN C 20 -14.60 -19.42 -18.37
C GLN C 20 -13.46 -19.03 -17.48
N ALA C 21 -13.07 -19.84 -16.53
CA ALA C 21 -11.95 -19.55 -15.66
C ALA C 21 -10.68 -19.27 -16.39
N GLY C 22 -10.35 -20.05 -17.37
CA GLY C 22 -9.19 -19.83 -18.19
C GLY C 22 -9.22 -18.52 -18.95
N ALA C 23 -10.29 -18.25 -19.66
CA ALA C 23 -10.46 -17.02 -20.37
C ALA C 23 -10.31 -15.87 -19.40
N HIS C 24 -10.89 -15.81 -18.19
CA HIS C 24 -10.81 -14.67 -17.26
C HIS C 24 -9.41 -14.45 -16.74
N GLY C 25 -8.64 -15.49 -16.48
CA GLY C 25 -7.30 -15.29 -16.01
C GLY C 25 -6.52 -14.66 -17.11
N ALA C 26 -6.71 -15.12 -18.38
CA ALA C 26 -6.07 -14.51 -19.59
C ALA C 26 -6.37 -13.05 -19.75
N GLU C 27 -7.63 -12.67 -19.76
CA GLU C 27 -7.98 -11.29 -19.85
C GLU C 27 -7.53 -10.54 -18.60
N ALA C 28 -7.36 -11.12 -17.41
CA ALA C 28 -6.91 -10.40 -16.23
C ALA C 28 -5.45 -9.99 -16.42
N LEU C 29 -4.59 -10.85 -16.91
CA LEU C 29 -3.20 -10.58 -17.21
C LEU C 29 -3.03 -9.54 -18.30
N GLU C 30 -3.80 -9.52 -19.37
CA GLU C 30 -3.82 -8.46 -20.36
C GLU C 30 -4.18 -7.13 -19.71
N ARG C 31 -5.29 -7.02 -18.98
CA ARG C 31 -5.61 -5.76 -18.33
C ARG C 31 -4.50 -5.33 -17.36
N MET C 32 -3.68 -6.19 -16.73
CA MET C 32 -2.59 -5.79 -15.83
C MET C 32 -1.42 -5.37 -16.67
N PHE C 33 -1.09 -6.02 -17.78
CA PHE C 33 0.03 -5.61 -18.60
C PHE C 33 -0.17 -4.22 -19.21
N LEU C 34 -1.30 -4.03 -19.89
CA LEU C 34 -1.70 -2.72 -20.37
C LEU C 34 -1.87 -1.68 -19.31
N GLY C 35 -2.68 -1.96 -18.28
CA GLY C 35 -2.96 -0.97 -17.24
C GLY C 35 -1.70 -0.74 -16.42
N PHE C 36 -0.83 -1.74 -16.14
CA PHE C 36 0.29 -1.51 -15.25
C PHE C 36 1.55 -2.01 -15.87
N PRO C 37 2.23 -1.22 -16.65
CA PRO C 37 3.26 -1.69 -17.56
C PRO C 37 4.49 -2.22 -16.88
N THR C 38 4.75 -1.83 -15.65
CA THR C 38 5.87 -2.35 -14.87
C THR C 38 5.68 -3.81 -14.69
N THR C 39 4.50 -4.37 -14.77
CA THR C 39 4.34 -5.83 -14.56
C THR C 39 4.79 -6.66 -15.77
N LYS C 40 5.00 -6.00 -16.92
CA LYS C 40 5.42 -6.72 -18.13
C LYS C 40 6.81 -7.29 -18.02
N THR C 41 7.61 -6.78 -17.07
CA THR C 41 8.97 -7.26 -16.91
C THR C 41 9.17 -8.68 -16.43
N TYR C 42 8.20 -9.23 -15.70
CA TYR C 42 8.30 -10.62 -15.23
C TYR C 42 8.12 -11.65 -16.32
N PHE C 43 7.48 -11.21 -17.44
CA PHE C 43 7.15 -11.98 -18.66
C PHE C 43 7.93 -11.69 -19.97
N PRO C 44 9.25 -11.42 -20.06
CA PRO C 44 9.95 -11.05 -21.31
C PRO C 44 10.02 -12.13 -22.37
N HIS C 45 10.02 -13.34 -21.90
CA HIS C 45 9.92 -14.54 -22.64
C HIS C 45 8.59 -14.67 -23.31
N PHE C 46 7.61 -13.89 -22.97
CA PHE C 46 6.31 -14.10 -23.53
C PHE C 46 6.03 -13.21 -24.72
N ASN C 47 4.97 -13.52 -25.48
CA ASN C 47 4.46 -12.57 -26.46
C ASN C 47 3.23 -12.07 -25.77
N LEU C 48 3.14 -10.75 -25.60
CA LEU C 48 2.07 -10.10 -24.84
C LEU C 48 1.11 -9.29 -25.70
N SER C 49 0.84 -9.73 -26.96
CA SER C 49 -0.15 -9.09 -27.83
C SER C 49 -1.55 -9.63 -27.53
N HIS C 50 -2.62 -8.83 -27.71
CA HIS C 50 -4.00 -9.25 -27.40
C HIS C 50 -4.22 -10.58 -28.05
N GLY C 51 -4.77 -11.57 -27.38
CA GLY C 51 -4.91 -12.82 -28.03
C GLY C 51 -3.64 -13.66 -28.19
N SER C 52 -2.51 -13.33 -27.56
CA SER C 52 -1.36 -14.23 -27.54
C SER C 52 -1.67 -15.60 -26.94
N ASP C 53 -1.11 -16.66 -27.52
CA ASP C 53 -1.24 -18.03 -27.03
C ASP C 53 -0.62 -18.37 -25.68
N GLN C 54 0.52 -17.75 -25.41
CA GLN C 54 1.22 -17.91 -24.15
C GLN C 54 0.42 -17.24 -23.05
N VAL C 55 -0.11 -16.06 -23.32
CA VAL C 55 -0.94 -15.38 -22.38
C VAL C 55 -2.21 -16.23 -22.18
N LYS C 56 -2.77 -16.91 -23.22
CA LYS C 56 -4.00 -17.71 -23.02
C LYS C 56 -3.80 -18.98 -22.16
N ALA C 57 -2.66 -19.57 -22.40
CA ALA C 57 -2.21 -20.78 -21.77
C ALA C 57 -1.81 -20.48 -20.35
N HIS C 58 -1.10 -19.40 -20.08
CA HIS C 58 -0.72 -19.10 -18.72
C HIS C 58 -1.93 -18.61 -17.98
N GLY C 59 -2.92 -18.07 -18.65
CA GLY C 59 -4.16 -17.61 -18.03
C GLY C 59 -4.95 -18.77 -17.45
N GLN C 60 -4.90 -19.94 -18.09
CA GLN C 60 -5.52 -21.16 -17.58
C GLN C 60 -4.75 -21.61 -16.36
N LYS C 61 -3.43 -21.59 -16.33
CA LYS C 61 -2.69 -22.01 -15.17
C LYS C 61 -2.99 -21.16 -13.96
N VAL C 62 -3.16 -19.84 -14.13
CA VAL C 62 -3.51 -18.99 -12.99
C VAL C 62 -4.93 -19.37 -12.52
N ALA C 63 -5.91 -19.55 -13.40
CA ALA C 63 -7.24 -19.85 -12.91
C ALA C 63 -7.30 -21.24 -12.30
N ASP C 64 -6.55 -22.18 -12.80
CA ASP C 64 -6.63 -23.48 -12.23
C ASP C 64 -6.05 -23.34 -10.83
N ALA C 65 -4.99 -22.58 -10.56
CA ALA C 65 -4.49 -22.35 -9.21
C ALA C 65 -5.54 -21.68 -8.33
N LEU C 66 -6.46 -20.88 -8.87
CA LEU C 66 -7.45 -20.26 -8.02
C LEU C 66 -8.59 -21.25 -7.77
N THR C 67 -8.89 -22.18 -8.67
CA THR C 67 -9.85 -23.25 -8.37
C THR C 67 -9.26 -24.18 -7.35
N LYS C 68 -7.98 -24.60 -7.36
CA LYS C 68 -7.42 -25.43 -6.31
C LYS C 68 -7.65 -24.69 -5.01
N ALA C 69 -7.25 -23.42 -4.87
CA ALA C 69 -7.49 -22.62 -3.65
C ALA C 69 -8.96 -22.37 -3.31
N VAL C 70 -9.93 -22.42 -4.24
CA VAL C 70 -11.35 -22.25 -3.86
C VAL C 70 -11.73 -23.62 -3.31
N GLY C 71 -11.14 -24.68 -3.86
CA GLY C 71 -11.32 -26.02 -3.35
C GLY C 71 -10.80 -26.16 -1.91
N HIS C 72 -9.58 -25.74 -1.58
CA HIS C 72 -9.07 -25.93 -0.26
C HIS C 72 -9.04 -24.62 0.49
N LEU C 73 -10.11 -23.91 0.73
CA LEU C 73 -10.02 -22.62 1.44
C LEU C 73 -9.42 -22.60 2.82
N ASP C 74 -9.28 -23.78 3.47
CA ASP C 74 -8.69 -23.93 4.81
C ASP C 74 -7.28 -24.58 4.75
N ASP C 75 -7.00 -25.41 3.73
CA ASP C 75 -5.65 -25.93 3.40
C ASP C 75 -4.91 -24.85 2.55
N LEU C 76 -5.27 -23.52 2.50
CA LEU C 76 -4.74 -22.47 1.58
C LEU C 76 -3.25 -22.35 1.62
N PRO C 77 -2.58 -22.22 2.76
CA PRO C 77 -1.11 -22.43 2.85
C PRO C 77 -0.49 -23.73 2.35
N GLY C 78 -1.18 -24.84 2.50
CA GLY C 78 -0.56 -26.10 2.16
C GLY C 78 -0.71 -26.31 0.69
N ALA C 79 -1.94 -26.01 0.24
CA ALA C 79 -2.38 -26.05 -1.13
C ALA C 79 -1.42 -25.24 -2.06
N LEU C 80 -1.14 -23.98 -1.73
CA LEU C 80 -0.25 -23.10 -2.49
C LEU C 80 1.17 -23.13 -1.97
N SER C 81 1.84 -24.25 -1.74
CA SER C 81 3.20 -24.23 -1.18
C SER C 81 4.26 -23.96 -2.19
N ALA C 82 4.17 -24.71 -3.26
CA ALA C 82 5.08 -24.62 -4.40
C ALA C 82 5.00 -23.24 -5.04
N LEU C 83 3.78 -22.72 -5.03
CA LEU C 83 3.56 -21.48 -5.66
C LEU C 83 4.01 -20.40 -4.75
N SER C 84 3.97 -20.46 -3.39
CA SER C 84 4.53 -19.37 -2.55
C SER C 84 6.05 -19.23 -2.65
N ASP C 85 6.77 -20.35 -2.76
CA ASP C 85 8.21 -20.34 -2.89
C ASP C 85 8.59 -20.04 -4.31
N LEU C 86 7.85 -20.42 -5.34
CA LEU C 86 8.16 -19.99 -6.70
C LEU C 86 8.00 -18.48 -6.86
N HIS C 87 6.97 -17.86 -6.30
CA HIS C 87 6.83 -16.38 -6.34
C HIS C 87 7.73 -15.53 -5.49
N ALA C 88 7.77 -15.72 -4.17
CA ALA C 88 8.68 -15.01 -3.28
C ALA C 88 10.18 -15.31 -3.42
N HIS C 89 10.55 -16.58 -3.59
CA HIS C 89 11.94 -16.96 -3.50
C HIS C 89 12.61 -16.99 -4.84
N LYS C 90 11.90 -17.48 -5.84
CA LYS C 90 12.51 -17.72 -7.12
C LYS C 90 12.21 -16.57 -8.09
N LEU C 91 11.00 -16.11 -8.14
CA LEU C 91 10.70 -15.02 -9.03
C LEU C 91 10.80 -13.67 -8.38
N ARG C 92 10.90 -13.60 -7.06
CA ARG C 92 10.97 -12.40 -6.27
C ARG C 92 9.94 -11.35 -6.65
N VAL C 93 8.70 -11.79 -6.91
CA VAL C 93 7.68 -10.87 -7.32
C VAL C 93 7.39 -9.83 -6.24
N ASP C 94 7.47 -8.55 -6.59
CA ASP C 94 7.10 -7.47 -5.71
C ASP C 94 5.63 -7.69 -5.24
N PRO C 95 5.32 -7.58 -3.94
CA PRO C 95 3.99 -7.66 -3.33
C PRO C 95 2.83 -6.93 -4.00
N VAL C 96 3.06 -5.67 -4.45
CA VAL C 96 2.06 -4.78 -5.04
C VAL C 96 1.45 -5.35 -6.32
N ASN C 97 2.22 -6.11 -7.15
CA ASN C 97 1.75 -6.77 -8.39
C ASN C 97 0.65 -7.73 -8.10
N PHE C 98 0.67 -8.44 -6.95
CA PHE C 98 -0.49 -9.24 -6.55
C PHE C 98 -1.70 -8.36 -6.21
N LYS C 99 -1.62 -7.17 -5.64
CA LYS C 99 -2.77 -6.31 -5.50
C LYS C 99 -3.25 -5.84 -6.87
N LEU C 100 -2.38 -5.59 -7.90
CA LEU C 100 -2.78 -5.19 -9.25
C LEU C 100 -3.44 -6.31 -10.00
N LEU C 101 -2.96 -7.56 -10.05
CA LEU C 101 -3.67 -8.66 -10.69
C LEU C 101 -5.00 -8.89 -10.06
N SER C 102 -5.08 -8.96 -8.74
CA SER C 102 -6.34 -9.10 -8.06
C SER C 102 -7.32 -8.04 -8.54
N HIS C 103 -6.94 -6.77 -8.63
CA HIS C 103 -7.81 -5.72 -9.22
C HIS C 103 -8.25 -6.13 -10.63
N CYS C 104 -7.41 -6.57 -11.51
CA CYS C 104 -7.81 -6.92 -12.86
C CYS C 104 -8.67 -8.18 -12.89
N LEU C 105 -8.61 -9.11 -11.94
CA LEU C 105 -9.57 -10.21 -11.86
C LEU C 105 -10.93 -9.74 -11.43
N LEU C 106 -11.11 -8.84 -10.48
CA LEU C 106 -12.41 -8.29 -10.09
C LEU C 106 -12.97 -7.50 -11.26
N VAL C 107 -12.20 -6.70 -12.04
CA VAL C 107 -12.70 -5.98 -13.23
C VAL C 107 -13.14 -6.97 -14.32
N THR C 108 -12.39 -8.04 -14.61
CA THR C 108 -12.80 -9.06 -15.58
C THR C 108 -14.09 -9.76 -15.24
N LEU C 109 -14.26 -10.06 -13.95
CA LEU C 109 -15.42 -10.76 -13.44
C LEU C 109 -16.64 -9.89 -13.41
N ALA C 110 -16.53 -8.62 -13.11
CA ALA C 110 -17.63 -7.68 -13.17
C ALA C 110 -18.14 -7.53 -14.61
N ALA C 111 -17.15 -7.34 -15.54
CA ALA C 111 -17.43 -7.20 -16.98
C ALA C 111 -18.18 -8.41 -17.50
N HIS C 112 -17.72 -9.61 -17.20
CA HIS C 112 -18.42 -10.75 -17.73
C HIS C 112 -19.60 -11.24 -16.94
N HIS C 113 -19.90 -10.79 -15.71
CA HIS C 113 -20.98 -11.41 -14.95
C HIS C 113 -21.66 -10.35 -14.16
N PRO C 114 -22.16 -9.28 -14.75
CA PRO C 114 -22.66 -8.09 -14.08
C PRO C 114 -23.71 -8.38 -13.04
N ASP C 115 -24.53 -9.33 -13.41
CA ASP C 115 -25.61 -9.99 -12.70
C ASP C 115 -25.29 -10.53 -11.32
N ASP C 116 -24.18 -11.26 -11.31
CA ASP C 116 -23.59 -11.91 -10.14
C ASP C 116 -22.67 -11.13 -9.23
N PHE C 117 -22.08 -10.04 -9.71
CA PHE C 117 -21.13 -9.27 -8.94
C PHE C 117 -21.91 -8.24 -8.14
N ASN C 118 -22.59 -8.73 -7.12
CA ASN C 118 -23.33 -7.83 -6.27
C ASN C 118 -22.29 -7.42 -5.29
N PRO C 119 -22.50 -6.43 -4.44
CA PRO C 119 -21.55 -5.95 -3.46
C PRO C 119 -21.01 -6.95 -2.47
N SER C 120 -21.72 -7.97 -2.05
CA SER C 120 -21.20 -8.93 -1.08
C SER C 120 -20.29 -9.90 -1.75
N VAL C 121 -20.61 -10.40 -2.94
CA VAL C 121 -19.73 -11.25 -3.77
C VAL C 121 -18.41 -10.52 -3.99
N HIS C 122 -18.53 -9.20 -4.33
CA HIS C 122 -17.35 -8.38 -4.52
C HIS C 122 -16.49 -8.36 -3.27
N ALA C 123 -17.09 -8.16 -2.09
CA ALA C 123 -16.35 -8.15 -0.80
C ALA C 123 -15.72 -9.50 -0.49
N SER C 124 -16.41 -10.64 -0.74
CA SER C 124 -15.87 -11.96 -0.51
C SER C 124 -14.80 -12.28 -1.48
N LEU C 125 -14.91 -11.95 -2.77
CA LEU C 125 -13.82 -12.16 -3.71
C LEU C 125 -12.62 -11.26 -3.42
N ASP C 126 -12.71 -10.03 -2.86
CA ASP C 126 -11.53 -9.24 -2.52
C ASP C 126 -10.83 -9.87 -1.33
N LYS C 127 -11.49 -10.18 -0.21
CA LYS C 127 -10.88 -10.90 0.88
C LYS C 127 -10.38 -12.19 0.37
N PHE C 128 -11.04 -12.95 -0.48
CA PHE C 128 -10.43 -14.15 -0.99
C PHE C 128 -9.13 -13.80 -1.69
N LEU C 129 -8.99 -12.79 -2.55
CA LEU C 129 -7.70 -12.61 -3.25
C LEU C 129 -6.62 -11.97 -2.37
N ALA C 130 -7.01 -11.24 -1.36
CA ALA C 130 -6.04 -10.62 -0.48
C ALA C 130 -5.44 -11.75 0.33
N ASN C 131 -6.22 -12.75 0.82
CA ASN C 131 -5.64 -13.91 1.56
C ASN C 131 -4.85 -14.82 0.62
N VAL C 132 -5.23 -15.11 -0.64
CA VAL C 132 -4.39 -15.79 -1.64
C VAL C 132 -3.09 -15.05 -1.86
N SER C 133 -3.11 -13.69 -1.93
CA SER C 133 -1.88 -12.91 -2.11
C SER C 133 -1.00 -13.06 -0.85
N THR C 134 -1.54 -13.06 0.39
CA THR C 134 -0.75 -13.22 1.62
C THR C 134 0.00 -14.55 1.66
N VAL C 135 -0.60 -15.62 1.18
CA VAL C 135 0.05 -16.92 1.13
C VAL C 135 1.16 -16.76 0.13
N LEU C 136 0.94 -16.30 -1.09
CA LEU C 136 2.05 -16.19 -2.05
C LEU C 136 3.17 -15.23 -1.69
N THR C 137 2.86 -14.18 -0.95
CA THR C 137 3.87 -13.27 -0.48
C THR C 137 4.47 -13.67 0.90
N SER C 138 4.07 -14.83 1.50
CA SER C 138 4.56 -15.25 2.81
C SER C 138 6.09 -15.53 3.00
N LYS C 139 6.91 -15.89 2.01
CA LYS C 139 8.32 -16.04 2.29
C LYS C 139 8.95 -14.68 2.53
N TYR C 140 8.29 -13.59 2.22
CA TYR C 140 8.92 -12.32 2.48
C TYR C 140 8.80 -11.90 3.91
N ARG C 141 7.69 -12.30 4.48
CA ARG C 141 7.41 -12.00 5.85
C ARG C 141 7.27 -13.20 6.81
N VAL D 1 -1.69 13.97 -16.32
CA VAL D 1 -1.60 12.57 -16.77
C VAL D 1 -1.05 12.69 -18.18
N HIS D 2 -0.37 11.67 -18.71
CA HIS D 2 0.08 11.80 -20.06
C HIS D 2 -0.74 10.76 -20.76
N LEU D 3 -1.71 11.33 -21.42
CA LEU D 3 -2.62 10.58 -22.22
C LEU D 3 -2.31 10.80 -23.68
N SER D 4 -2.08 9.80 -24.50
CA SER D 4 -1.96 10.09 -25.89
C SER D 4 -3.30 10.62 -26.42
N ALA D 5 -3.39 10.79 -27.75
CA ALA D 5 -4.60 11.27 -28.42
C ALA D 5 -5.49 10.06 -28.60
N GLU D 6 -4.97 8.88 -28.87
CA GLU D 6 -5.82 7.70 -29.01
C GLU D 6 -6.47 7.42 -27.62
N GLU D 7 -5.74 7.61 -26.49
CA GLU D 7 -6.24 7.41 -25.14
C GLU D 7 -7.26 8.40 -24.67
N LYS D 8 -7.01 9.69 -24.91
CA LYS D 8 -8.01 10.68 -24.60
C LYS D 8 -9.29 10.44 -25.39
N GLU D 9 -9.26 9.97 -26.64
CA GLU D 9 -10.51 9.70 -27.33
C GLU D 9 -11.22 8.54 -26.72
N ALA D 10 -10.47 7.57 -26.25
CA ALA D 10 -11.00 6.36 -25.64
C ALA D 10 -11.67 6.69 -24.29
N VAL D 11 -11.11 7.60 -23.49
CA VAL D 11 -11.68 8.09 -22.24
C VAL D 11 -12.91 8.96 -22.45
N LEU D 12 -12.91 9.98 -23.26
CA LEU D 12 -14.08 10.82 -23.42
C LEU D 12 -15.10 10.05 -24.16
N GLY D 13 -14.75 9.10 -25.03
CA GLY D 13 -15.72 8.29 -25.75
C GLY D 13 -16.50 7.40 -24.83
N LEU D 14 -15.74 6.71 -23.94
CA LEU D 14 -16.26 5.87 -22.84
C LEU D 14 -17.15 6.67 -21.91
N TRP D 15 -16.78 7.91 -21.54
CA TRP D 15 -17.55 8.72 -20.59
C TRP D 15 -18.88 9.23 -21.01
N GLY D 16 -19.18 9.25 -22.30
CA GLY D 16 -20.51 9.66 -22.74
C GLY D 16 -21.60 8.57 -22.54
N LYS D 17 -21.08 7.36 -22.32
CA LYS D 17 -21.81 6.12 -22.01
C LYS D 17 -22.13 5.91 -20.51
N VAL D 18 -21.54 6.72 -19.63
CA VAL D 18 -21.71 6.63 -18.20
C VAL D 18 -22.99 7.32 -17.65
N ASN D 19 -23.93 6.67 -16.98
CA ASN D 19 -25.02 7.33 -16.25
C ASN D 19 -24.42 7.76 -14.92
N VAL D 20 -24.12 9.04 -14.88
CA VAL D 20 -23.38 9.56 -13.76
C VAL D 20 -24.18 9.34 -12.50
N ASP D 21 -25.48 9.62 -12.56
CA ASP D 21 -26.27 9.42 -11.40
C ASP D 21 -26.80 8.01 -11.30
N GLU D 22 -25.97 6.99 -11.51
CA GLU D 22 -26.31 5.61 -11.26
C GLU D 22 -24.90 5.08 -10.86
N VAL D 23 -23.83 5.36 -11.61
CA VAL D 23 -22.47 4.92 -11.34
C VAL D 23 -21.82 5.38 -10.03
N GLY D 24 -21.95 6.66 -9.75
CA GLY D 24 -21.33 7.22 -8.57
C GLY D 24 -21.90 6.60 -7.32
N GLY D 25 -23.21 6.31 -7.33
CA GLY D 25 -23.95 5.78 -6.19
C GLY D 25 -23.54 4.36 -5.93
N GLU D 26 -23.41 3.59 -6.99
CA GLU D 26 -23.02 2.21 -6.89
C GLU D 26 -21.57 2.13 -6.48
N ALA D 27 -20.73 3.05 -6.91
CA ALA D 27 -19.32 3.04 -6.54
C ALA D 27 -19.06 3.49 -5.09
N LEU D 28 -19.74 4.47 -4.49
CA LEU D 28 -19.54 4.86 -3.09
C LEU D 28 -20.16 3.81 -2.18
N GLY D 29 -21.30 3.17 -2.45
CA GLY D 29 -21.76 2.06 -1.61
C GLY D 29 -20.84 0.83 -1.62
N ARG D 30 -20.21 0.44 -2.73
CA ARG D 30 -19.30 -0.67 -2.73
C ARG D 30 -18.06 -0.30 -2.03
N LEU D 31 -17.61 0.92 -2.02
CA LEU D 31 -16.42 1.32 -1.31
C LEU D 31 -16.72 1.04 0.17
N LEU D 32 -17.89 1.49 0.65
CA LEU D 32 -18.37 1.28 2.02
C LEU D 32 -18.66 -0.17 2.37
N VAL D 33 -19.09 -1.02 1.45
CA VAL D 33 -19.31 -2.40 1.68
C VAL D 33 -17.99 -3.12 1.66
N VAL D 34 -17.14 -2.95 0.63
CA VAL D 34 -15.86 -3.61 0.43
C VAL D 34 -14.71 -3.13 1.31
N TYR D 35 -14.61 -1.91 1.79
CA TYR D 35 -13.54 -1.49 2.64
C TYR D 35 -14.17 -0.73 3.79
N PRO D 36 -14.69 -1.49 4.80
CA PRO D 36 -15.53 -1.07 5.92
C PRO D 36 -14.90 0.07 6.71
N TRP D 37 -13.59 0.23 6.83
CA TRP D 37 -13.02 1.32 7.61
C TRP D 37 -13.46 2.63 7.02
N THR D 38 -13.85 2.72 5.71
CA THR D 38 -14.32 3.99 5.13
C THR D 38 -15.67 4.47 5.69
N GLN D 39 -16.43 3.53 6.26
CA GLN D 39 -17.71 3.80 6.87
C GLN D 39 -17.63 4.85 7.95
N ARG D 40 -16.55 4.83 8.70
CA ARG D 40 -16.25 5.78 9.74
C ARG D 40 -16.47 7.22 9.33
N PHE D 41 -16.15 7.52 8.08
CA PHE D 41 -16.19 8.91 7.61
C PHE D 41 -17.52 9.43 7.11
N PHE D 42 -18.46 8.50 6.99
CA PHE D 42 -19.80 8.77 6.49
C PHE D 42 -20.75 8.36 7.57
N GLU D 43 -20.37 8.28 8.86
CA GLU D 43 -21.30 7.67 9.80
C GLU D 43 -22.45 8.56 10.10
N SER D 44 -22.33 9.84 9.78
CA SER D 44 -23.42 10.79 9.86
C SER D 44 -24.53 10.54 8.83
N PHE D 45 -24.38 9.56 7.94
CA PHE D 45 -25.27 9.18 6.86
C PHE D 45 -26.36 8.14 7.14
N GLY D 46 -26.44 7.55 8.37
CA GLY D 46 -27.52 6.61 8.73
C GLY D 46 -27.15 5.17 9.04
N ASP D 47 -27.88 4.19 8.50
CA ASP D 47 -27.67 2.73 8.67
C ASP D 47 -26.65 2.20 7.64
N LEU D 48 -25.34 2.14 7.97
CA LEU D 48 -24.37 1.61 7.02
C LEU D 48 -23.94 0.22 7.42
N SER D 49 -24.71 -0.31 8.34
CA SER D 49 -24.53 -1.60 8.96
C SER D 49 -24.76 -2.90 8.23
N ASN D 50 -24.85 -2.88 6.89
CA ASN D 50 -24.87 -4.08 6.05
C ASN D 50 -25.07 -3.71 4.58
N ALA D 51 -24.58 -4.58 3.66
CA ALA D 51 -24.58 -4.32 2.23
C ALA D 51 -25.83 -3.63 1.64
N ASP D 52 -26.99 -4.29 1.76
CA ASP D 52 -28.21 -3.70 1.29
C ASP D 52 -28.57 -2.36 1.91
N ALA D 53 -28.03 -2.02 3.08
CA ALA D 53 -28.32 -0.79 3.80
C ALA D 53 -27.46 0.38 3.40
N VAL D 54 -26.25 0.05 3.00
CA VAL D 54 -25.30 1.00 2.46
C VAL D 54 -25.88 1.28 1.04
N MET D 55 -25.99 0.21 0.24
CA MET D 55 -26.51 0.23 -1.13
C MET D 55 -27.88 0.85 -1.30
N GLY D 56 -28.78 0.76 -0.32
CA GLY D 56 -30.07 1.45 -0.43
C GLY D 56 -30.07 2.83 0.24
N ASN D 57 -28.92 3.42 0.60
CA ASN D 57 -28.95 4.62 1.39
C ASN D 57 -29.01 5.94 0.64
N PRO D 58 -29.99 6.81 0.86
CA PRO D 58 -30.26 8.00 0.13
C PRO D 58 -29.06 8.89 -0.02
N LYS D 59 -28.42 9.11 1.10
CA LYS D 59 -27.29 9.97 1.18
C LYS D 59 -26.03 9.37 0.57
N VAL D 60 -25.97 8.04 0.48
CA VAL D 60 -24.85 7.40 -0.17
C VAL D 60 -25.05 7.70 -1.66
N LYS D 61 -26.28 7.56 -2.16
CA LYS D 61 -26.55 7.81 -3.58
C LYS D 61 -26.34 9.23 -4.01
N ALA D 62 -26.89 10.18 -3.27
CA ALA D 62 -26.73 11.58 -3.58
C ALA D 62 -25.26 11.94 -3.44
N HIS D 63 -24.50 11.48 -2.45
CA HIS D 63 -23.09 11.90 -2.39
C HIS D 63 -22.21 11.23 -3.47
N GLY D 64 -22.58 10.04 -3.97
CA GLY D 64 -21.82 9.35 -4.98
C GLY D 64 -21.97 10.13 -6.25
N LYS D 65 -23.13 10.76 -6.50
CA LYS D 65 -23.38 11.58 -7.68
C LYS D 65 -22.44 12.76 -7.71
N LYS D 66 -22.33 13.39 -6.56
CA LYS D 66 -21.44 14.52 -6.40
C LYS D 66 -20.00 14.07 -6.73
N VAL D 67 -19.55 12.89 -6.19
CA VAL D 67 -18.21 12.33 -6.38
C VAL D 67 -17.97 12.11 -7.87
N LEU D 68 -18.85 11.39 -8.56
CA LEU D 68 -18.65 11.17 -9.98
C LEU D 68 -18.79 12.39 -10.91
N GLN D 69 -19.45 13.44 -10.44
CA GLN D 69 -19.54 14.75 -11.09
C GLN D 69 -18.16 15.39 -11.08
N SER D 70 -17.43 15.41 -9.94
CA SER D 70 -16.06 15.93 -9.76
C SER D 70 -15.09 15.24 -10.71
N PHE D 71 -15.36 13.97 -11.03
CA PHE D 71 -14.61 13.21 -11.99
C PHE D 71 -14.86 13.82 -13.36
N SER D 72 -16.14 13.95 -13.77
CA SER D 72 -16.49 14.59 -15.02
C SER D 72 -15.79 15.97 -15.25
N ASP D 73 -15.84 16.89 -14.27
CA ASP D 73 -15.18 18.19 -14.34
C ASP D 73 -13.72 17.99 -14.65
N GLY D 74 -13.13 17.10 -13.87
CA GLY D 74 -11.72 16.80 -13.96
C GLY D 74 -11.35 16.19 -15.29
N LEU D 75 -12.32 15.54 -15.93
CA LEU D 75 -12.10 14.93 -17.25
C LEU D 75 -11.93 16.03 -18.28
N LYS D 76 -12.58 17.21 -18.21
CA LYS D 76 -12.28 18.25 -19.19
C LYS D 76 -11.23 19.21 -18.73
N HIS D 77 -10.35 18.78 -17.84
CA HIS D 77 -9.22 19.58 -17.40
C HIS D 77 -8.04 18.67 -17.14
N LEU D 78 -7.85 17.59 -17.91
CA LEU D 78 -6.72 16.68 -17.69
C LEU D 78 -5.29 17.28 -17.61
N ASP D 79 -5.06 18.42 -18.29
CA ASP D 79 -3.76 19.04 -18.24
C ASP D 79 -3.62 19.79 -16.93
N ASN D 80 -4.70 20.17 -16.23
CA ASN D 80 -4.57 20.90 -14.99
C ASN D 80 -5.39 20.22 -13.86
N LEU D 81 -5.00 19.01 -13.49
CA LEU D 81 -5.75 18.21 -12.55
C LEU D 81 -5.52 18.78 -11.21
N LYS D 82 -4.30 19.11 -10.88
CA LYS D 82 -4.03 19.65 -9.57
C LYS D 82 -4.87 20.84 -9.22
N GLY D 83 -4.80 21.83 -10.10
CA GLY D 83 -5.50 23.05 -9.88
C GLY D 83 -6.99 22.88 -9.89
N THR D 84 -7.61 22.01 -10.70
CA THR D 84 -9.05 21.76 -10.57
C THR D 84 -9.38 21.05 -9.26
N PHE D 85 -8.51 20.21 -8.71
CA PHE D 85 -8.81 19.56 -7.42
C PHE D 85 -8.14 20.23 -6.22
N ALA D 86 -7.56 21.42 -6.29
CA ALA D 86 -6.90 22.01 -5.11
C ALA D 86 -7.83 22.26 -3.92
N LYS D 87 -9.02 22.84 -4.04
CA LYS D 87 -9.91 23.12 -2.89
C LYS D 87 -10.40 21.82 -2.25
N LEU D 88 -10.83 20.87 -3.07
CA LEU D 88 -11.20 19.53 -2.66
C LEU D 88 -10.00 18.81 -2.00
N SER D 89 -8.69 18.97 -2.26
CA SER D 89 -7.71 18.27 -1.44
C SER D 89 -7.59 18.96 -0.10
N GLU D 90 -7.90 20.25 0.02
CA GLU D 90 -7.90 20.92 1.31
C GLU D 90 -9.06 20.39 2.18
N LEU D 91 -10.20 20.09 1.56
CA LEU D 91 -11.34 19.51 2.25
C LEU D 91 -10.97 18.13 2.81
N HIS D 92 -10.49 17.24 1.93
CA HIS D 92 -10.06 15.88 2.28
C HIS D 92 -8.91 15.83 3.27
N CYS D 93 -7.77 16.45 3.02
CA CYS D 93 -6.69 16.55 3.99
C CYS D 93 -7.04 17.25 5.30
N ASP D 94 -7.18 18.60 5.25
CA ASP D 94 -7.24 19.40 6.47
C ASP D 94 -8.41 19.13 7.39
N GLN D 95 -9.54 19.06 6.74
CA GLN D 95 -10.76 18.91 7.45
C GLN D 95 -11.14 17.48 7.59
N LEU D 96 -11.06 16.65 6.55
CA LEU D 96 -11.56 15.30 6.73
C LEU D 96 -10.48 14.30 7.18
N HIS D 97 -9.19 14.56 6.93
CA HIS D 97 -8.08 13.68 7.31
C HIS D 97 -8.25 12.29 6.76
N VAL D 98 -8.61 12.25 5.48
CA VAL D 98 -8.82 11.00 4.77
C VAL D 98 -7.46 10.56 4.27
N ASP D 99 -7.04 9.36 4.53
CA ASP D 99 -5.69 9.04 4.15
C ASP D 99 -5.70 8.93 2.65
N PRO D 100 -4.76 9.52 1.95
CA PRO D 100 -4.57 9.37 0.51
C PRO D 100 -4.74 7.99 -0.12
N GLU D 101 -4.50 6.90 0.62
CA GLU D 101 -4.61 5.56 0.07
C GLU D 101 -6.02 5.29 -0.34
N ASN D 102 -6.99 5.92 0.33
CA ASN D 102 -8.38 5.71 0.00
C ASN D 102 -8.83 6.40 -1.30
N PHE D 103 -8.09 7.41 -1.80
CA PHE D 103 -8.43 8.10 -3.07
C PHE D 103 -8.23 7.05 -4.14
N ARG D 104 -7.14 6.31 -4.05
CA ARG D 104 -6.82 5.20 -4.91
C ARG D 104 -7.84 4.09 -4.81
N LEU D 105 -8.35 3.72 -3.62
CA LEU D 105 -9.30 2.64 -3.52
C LEU D 105 -10.61 3.02 -4.15
N LEU D 106 -11.08 4.25 -3.92
CA LEU D 106 -12.30 4.69 -4.57
C LEU D 106 -12.03 4.77 -6.06
N GLY D 107 -10.85 5.14 -6.57
CA GLY D 107 -10.57 5.18 -8.00
C GLY D 107 -10.76 3.84 -8.63
N ASN D 108 -10.23 2.79 -8.03
CA ASN D 108 -10.37 1.42 -8.55
C ASN D 108 -11.80 0.81 -8.40
N VAL D 109 -12.59 1.12 -7.35
CA VAL D 109 -13.96 0.65 -7.23
C VAL D 109 -14.77 1.27 -8.40
N ILE D 110 -14.62 2.58 -8.75
CA ILE D 110 -15.23 3.24 -9.94
C ILE D 110 -14.72 2.45 -11.14
N VAL D 111 -13.46 1.94 -11.23
CA VAL D 111 -13.09 1.17 -12.41
C VAL D 111 -13.87 -0.16 -12.40
N VAL D 112 -14.17 -0.79 -11.25
CA VAL D 112 -14.97 -1.99 -11.25
C VAL D 112 -16.44 -1.66 -11.59
N VAL D 113 -17.05 -0.57 -11.16
CA VAL D 113 -18.47 -0.36 -11.47
C VAL D 113 -18.60 -0.10 -12.94
N LEU D 114 -17.65 0.63 -13.56
CA LEU D 114 -17.65 0.87 -15.01
C LEU D 114 -17.53 -0.47 -15.73
N ALA D 115 -16.71 -1.44 -15.39
CA ALA D 115 -16.60 -2.67 -16.13
C ALA D 115 -17.86 -3.40 -15.93
N ARG D 116 -18.51 -3.31 -14.79
CA ARG D 116 -19.73 -4.04 -14.49
C ARG D 116 -20.87 -3.49 -15.32
N ARG D 117 -20.92 -2.19 -15.46
CA ARG D 117 -22.01 -1.59 -16.18
C ARG D 117 -21.79 -1.60 -17.70
N LEU D 118 -20.55 -1.50 -18.23
CA LEU D 118 -20.36 -1.47 -19.67
C LEU D 118 -19.88 -2.74 -20.33
N GLY D 119 -19.39 -3.79 -19.63
CA GLY D 119 -19.09 -5.08 -20.26
C GLY D 119 -17.99 -4.97 -21.29
N HIS D 120 -18.25 -5.47 -22.50
CA HIS D 120 -17.29 -5.42 -23.59
C HIS D 120 -16.79 -4.00 -23.88
N ASP D 121 -17.60 -2.96 -23.72
CA ASP D 121 -17.11 -1.64 -24.03
C ASP D 121 -16.01 -1.11 -23.12
N PHE D 122 -15.73 -1.78 -21.97
CA PHE D 122 -14.71 -1.38 -21.02
C PHE D 122 -13.56 -2.40 -21.20
N ASN D 123 -12.94 -2.29 -22.40
CA ASN D 123 -11.93 -3.21 -22.87
C ASN D 123 -10.60 -2.89 -22.18
N PRO D 124 -9.61 -3.80 -22.17
CA PRO D 124 -8.31 -3.63 -21.55
C PRO D 124 -7.59 -2.34 -21.85
N ASP D 125 -7.76 -1.87 -23.10
CA ASP D 125 -7.21 -0.58 -23.57
C ASP D 125 -7.87 0.62 -22.93
N VAL D 126 -9.22 0.62 -22.95
CA VAL D 126 -9.94 1.69 -22.28
C VAL D 126 -9.60 1.74 -20.78
N GLN D 127 -9.60 0.52 -20.12
CA GLN D 127 -9.22 0.43 -18.71
C GLN D 127 -7.86 1.10 -18.52
N ALA D 128 -6.84 0.77 -19.33
CA ALA D 128 -5.49 1.33 -19.13
C ALA D 128 -5.41 2.84 -19.23
N ALA D 129 -6.18 3.39 -20.15
CA ALA D 129 -6.27 4.84 -20.29
C ALA D 129 -6.88 5.32 -18.98
N PHE D 130 -7.94 4.62 -18.57
CA PHE D 130 -8.71 5.14 -17.49
C PHE D 130 -7.98 4.98 -16.16
N GLN D 131 -7.06 4.02 -15.99
CA GLN D 131 -6.25 3.88 -14.78
C GLN D 131 -5.29 5.02 -14.56
N LYS D 132 -4.83 5.67 -15.64
CA LYS D 132 -3.97 6.85 -15.57
C LYS D 132 -4.67 8.08 -14.99
N VAL D 133 -5.93 8.15 -15.40
CA VAL D 133 -6.79 9.24 -14.98
C VAL D 133 -7.08 9.06 -13.49
N VAL D 134 -7.25 7.80 -13.07
CA VAL D 134 -7.66 7.58 -11.69
C VAL D 134 -6.40 7.84 -10.90
N ALA D 135 -5.20 7.42 -11.26
CA ALA D 135 -3.97 7.84 -10.58
C ALA D 135 -3.79 9.35 -10.54
N GLY D 136 -4.07 10.11 -11.59
CA GLY D 136 -3.91 11.55 -11.59
C GLY D 136 -4.85 12.26 -10.66
N VAL D 137 -6.09 11.79 -10.62
CA VAL D 137 -7.04 12.38 -9.69
C VAL D 137 -6.65 12.05 -8.26
N ALA D 138 -6.19 10.80 -7.97
CA ALA D 138 -5.74 10.37 -6.64
C ALA D 138 -4.59 11.29 -6.25
N ASN D 139 -3.49 11.46 -7.01
CA ASN D 139 -2.44 12.47 -6.75
C ASN D 139 -2.88 13.94 -6.62
N ALA D 140 -3.91 14.31 -7.40
CA ALA D 140 -4.41 15.66 -7.32
C ALA D 140 -5.17 15.91 -6.02
N LEU D 141 -5.96 14.94 -5.51
CA LEU D 141 -6.61 15.08 -4.21
C LEU D 141 -5.62 14.92 -3.08
N ALA D 142 -4.40 14.49 -3.30
CA ALA D 142 -3.38 14.38 -2.28
C ALA D 142 -2.33 15.47 -2.34
N HIS D 143 -2.36 16.45 -3.26
CA HIS D 143 -1.36 17.51 -3.32
C HIS D 143 -1.37 18.42 -2.09
N LYS D 144 -2.55 18.70 -1.51
CA LYS D 144 -2.64 19.58 -0.35
C LYS D 144 -2.42 18.97 1.00
N TYR D 145 -1.81 17.78 1.01
CA TYR D 145 -1.55 17.12 2.26
C TYR D 145 -0.47 17.80 3.06
N HIS D 146 -1.10 18.61 3.93
CA HIS D 146 -0.48 19.44 4.96
C HIS D 146 -0.12 18.60 6.21
#